data_2LUB
#
_entry.id   2LUB
#
_entity_poly.entity_id   1
_entity_poly.type   'polyribonucleotide'
_entity_poly.pdbx_seq_one_letter_code
;GGGUGAAACGGAGGACUUCGGUCCUCAAGUUUCACCC
;
_entity_poly.pdbx_strand_id   A
#
loop_
_chem_comp.id
_chem_comp.type
_chem_comp.name
_chem_comp.formula
A RNA linking ADENOSINE-5'-MONOPHOSPHATE 'C10 H14 N5 O7 P'
C RNA linking CYTIDINE-5'-MONOPHOSPHATE 'C9 H14 N3 O8 P'
G RNA linking GUANOSINE-5'-MONOPHOSPHATE 'C10 H14 N5 O8 P'
U RNA linking URIDINE-5'-MONOPHOSPHATE 'C9 H13 N2 O9 P'
#